data_1IC1
#
_entry.id   1IC1
#
_cell.length_a   88.000
_cell.length_b   42.200
_cell.length_c   93.000
_cell.angle_alpha   90.00
_cell.angle_beta   109.30
_cell.angle_gamma   90.00
#
_symmetry.space_group_name_H-M   'P 1 2 1'
#
loop_
_entity.id
_entity.type
_entity.pdbx_description
1 polymer 'INTERCELLULAR ADHESION MOLECULE-1'
2 branched 2-acetamido-2-deoxy-beta-D-glucopyranose-(1-4)-2-acetamido-2-deoxy-beta-D-glucopyranose
3 non-polymer 2-acetamido-2-deoxy-beta-D-glucopyranose
4 water water
#
_entity_poly.entity_id   1
_entity_poly.type   'polypeptide(L)'
_entity_poly.pdbx_seq_one_letter_code
;QTSVSPSKVILPRGGSVLVTCSTSCDQPKLLGIETPLPKKELLLPGNNRKVYELSNVQEDSQPMCYSNCPDGQSTAKTFL
TVYWTPERVELAPLPSWQPVGKNLTLRCQVEGGAPRANLTVVLLRGEKELKREPAVGEPAEVTTTVLVRRDHHGANFSCR
TELDLRPQGLELFENTSAPYQLQTFVLPAT
;
_entity_poly.pdbx_strand_id   A,B
#
loop_
_chem_comp.id
_chem_comp.type
_chem_comp.name
_chem_comp.formula
NAG D-saccharide, beta linking 2-acetamido-2-deoxy-beta-D-glucopyranose 'C8 H15 N O6'
#
# COMPACT_ATOMS: atom_id res chain seq x y z
N GLN A 1 -37.91 -19.04 -35.68
CA GLN A 1 -37.06 -18.40 -34.65
C GLN A 1 -35.67 -17.96 -35.10
N THR A 2 -35.12 -17.08 -34.28
CA THR A 2 -33.82 -16.48 -34.48
C THR A 2 -32.71 -17.48 -34.31
N SER A 3 -31.67 -17.24 -35.10
CA SER A 3 -30.47 -18.07 -35.10
C SER A 3 -29.32 -17.21 -35.57
N VAL A 4 -28.12 -17.58 -35.14
CA VAL A 4 -26.92 -16.84 -35.48
C VAL A 4 -25.76 -17.77 -35.84
N SER A 5 -24.90 -17.30 -36.74
CA SER A 5 -23.77 -18.09 -37.14
C SER A 5 -22.59 -17.16 -37.41
N PRO A 6 -21.42 -17.48 -36.84
CA PRO A 6 -21.20 -18.63 -35.96
C PRO A 6 -21.75 -18.38 -34.60
N SER A 7 -21.65 -19.38 -33.75
CA SER A 7 -22.19 -19.28 -32.42
C SER A 7 -21.10 -19.14 -31.41
N LYS A 8 -19.91 -19.52 -31.81
CA LYS A 8 -18.76 -19.43 -30.97
C LYS A 8 -17.71 -18.89 -31.93
N VAL A 9 -16.89 -17.95 -31.44
CA VAL A 9 -15.79 -17.33 -32.22
C VAL A 9 -14.56 -17.01 -31.35
N ILE A 10 -13.40 -17.41 -31.84
CA ILE A 10 -12.18 -17.14 -31.10
C ILE A 10 -11.46 -16.10 -31.99
N LEU A 11 -11.18 -14.94 -31.42
CA LEU A 11 -10.49 -13.93 -32.21
C LEU A 11 -9.58 -13.03 -31.43
N PRO A 12 -8.58 -12.49 -32.11
CA PRO A 12 -7.59 -11.58 -31.54
C PRO A 12 -8.20 -10.30 -30.96
N ARG A 13 -7.54 -9.64 -30.03
CA ARG A 13 -7.99 -8.35 -29.50
C ARG A 13 -8.14 -7.45 -30.73
N GLY A 14 -9.05 -6.49 -30.70
CA GLY A 14 -9.18 -5.65 -31.86
C GLY A 14 -9.87 -6.28 -33.04
N GLY A 15 -9.58 -7.57 -33.30
CA GLY A 15 -10.18 -8.31 -34.40
C GLY A 15 -11.66 -8.08 -34.65
N SER A 16 -12.12 -8.28 -35.86
CA SER A 16 -13.50 -8.04 -36.16
C SER A 16 -14.07 -9.36 -36.63
N VAL A 17 -15.38 -9.44 -36.86
CA VAL A 17 -16.01 -10.64 -37.38
C VAL A 17 -17.30 -10.31 -38.06
N LEU A 18 -17.72 -11.26 -38.89
CA LEU A 18 -19.00 -11.21 -39.59
C LEU A 18 -19.99 -12.11 -38.84
N VAL A 19 -21.17 -11.59 -38.55
CA VAL A 19 -22.18 -12.40 -37.87
C VAL A 19 -23.45 -12.33 -38.70
N THR A 20 -24.11 -13.46 -38.87
CA THR A 20 -25.33 -13.46 -39.63
C THR A 20 -26.42 -13.77 -38.66
N CYS A 21 -27.51 -13.01 -38.75
CA CYS A 21 -28.66 -13.20 -37.88
C CYS A 21 -29.74 -13.60 -38.85
N SER A 22 -30.25 -14.81 -38.73
CA SER A 22 -31.30 -15.25 -39.62
C SER A 22 -32.50 -15.67 -38.79
N THR A 23 -33.67 -15.61 -39.41
CA THR A 23 -34.90 -16.00 -38.72
C THR A 23 -35.71 -16.99 -39.56
N SER A 24 -36.89 -17.43 -39.07
CA SER A 24 -37.71 -18.37 -39.84
C SER A 24 -39.14 -17.93 -40.07
N CYS A 25 -39.50 -16.75 -39.59
CA CYS A 25 -40.82 -16.23 -39.88
C CYS A 25 -40.52 -15.82 -41.30
N ASP A 26 -41.44 -15.99 -42.23
CA ASP A 26 -41.19 -15.58 -43.63
C ASP A 26 -41.27 -14.04 -43.67
N GLN A 27 -42.27 -13.46 -43.05
CA GLN A 27 -42.32 -12.01 -42.94
C GLN A 27 -42.43 -11.63 -41.49
N PRO A 28 -41.25 -11.50 -40.83
CA PRO A 28 -41.01 -11.13 -39.43
C PRO A 28 -41.15 -9.62 -39.30
N LYS A 29 -41.51 -9.14 -38.13
CA LYS A 29 -41.67 -7.72 -37.98
C LYS A 29 -40.35 -6.97 -37.85
N LEU A 30 -39.41 -7.52 -37.10
CA LEU A 30 -38.09 -6.91 -36.90
C LEU A 30 -37.02 -7.99 -36.82
N LEU A 31 -35.80 -7.62 -37.19
CA LEU A 31 -34.64 -8.52 -37.16
C LEU A 31 -33.42 -7.64 -37.10
N GLY A 32 -32.61 -7.83 -36.08
CA GLY A 32 -31.39 -7.04 -35.94
C GLY A 32 -30.51 -7.71 -34.94
N ILE A 33 -29.41 -7.07 -34.57
CA ILE A 33 -28.49 -7.64 -33.58
C ILE A 33 -28.21 -6.60 -32.47
N GLU A 34 -28.36 -7.07 -31.25
CA GLU A 34 -28.17 -6.28 -30.04
C GLU A 34 -26.73 -6.31 -29.52
N THR A 35 -25.96 -5.25 -29.78
CA THR A 35 -24.55 -5.17 -29.32
C THR A 35 -24.02 -3.73 -29.34
N PRO A 36 -22.99 -3.43 -28.50
CA PRO A 36 -22.37 -2.10 -28.41
C PRO A 36 -21.21 -2.03 -29.39
N LEU A 37 -20.84 -3.16 -29.93
CA LEU A 37 -19.75 -3.16 -30.85
C LEU A 37 -20.03 -2.35 -32.11
N PRO A 38 -18.99 -1.68 -32.61
CA PRO A 38 -19.15 -0.88 -33.81
C PRO A 38 -19.59 -1.92 -34.82
N LYS A 39 -20.84 -1.84 -35.27
CA LYS A 39 -21.31 -2.84 -36.25
C LYS A 39 -21.55 -2.16 -37.57
N LYS A 40 -21.74 -2.96 -38.61
CA LYS A 40 -21.92 -2.47 -39.98
C LYS A 40 -22.78 -3.48 -40.66
N GLU A 41 -23.79 -3.06 -41.41
CA GLU A 41 -24.68 -4.02 -42.07
C GLU A 41 -24.46 -4.14 -43.58
N LEU A 42 -24.60 -5.34 -44.17
CA LEU A 42 -24.34 -5.56 -45.63
C LEU A 42 -25.55 -5.98 -46.58
N LEU A 43 -25.45 -5.75 -47.91
CA LEU A 43 -26.49 -6.09 -48.98
C LEU A 43 -26.74 -7.63 -49.11
N LEU A 44 -27.24 -8.30 -48.07
CA LEU A 44 -27.47 -9.73 -48.26
C LEU A 44 -28.92 -9.97 -48.65
N PRO A 45 -29.15 -10.72 -49.73
CA PRO A 45 -30.49 -11.01 -50.19
C PRO A 45 -31.33 -11.83 -49.21
N GLY A 46 -32.60 -11.97 -49.62
CA GLY A 46 -33.68 -12.72 -48.89
C GLY A 46 -33.72 -12.27 -47.43
N ASN A 47 -34.25 -11.07 -47.23
CA ASN A 47 -34.17 -10.43 -45.90
C ASN A 47 -35.07 -11.06 -44.83
N ASN A 48 -34.51 -12.17 -44.49
CA ASN A 48 -34.84 -13.09 -43.40
C ASN A 48 -33.42 -13.32 -42.88
N ARG A 49 -32.45 -12.61 -43.50
CA ARG A 49 -31.00 -12.65 -43.21
C ARG A 49 -30.30 -11.28 -43.22
N LYS A 50 -29.58 -10.97 -42.15
CA LYS A 50 -28.80 -9.71 -42.02
C LYS A 50 -27.39 -10.08 -41.56
N VAL A 51 -26.39 -9.43 -42.15
CA VAL A 51 -24.98 -9.67 -41.84
C VAL A 51 -24.29 -8.41 -41.31
N TYR A 52 -23.77 -8.50 -40.11
CA TYR A 52 -23.11 -7.39 -39.43
C TYR A 52 -21.60 -7.63 -39.30
N GLU A 53 -20.81 -6.57 -39.25
CA GLU A 53 -19.37 -6.70 -39.14
C GLU A 53 -19.07 -6.08 -37.83
N LEU A 54 -18.80 -6.91 -36.84
CA LEU A 54 -18.52 -6.35 -35.54
C LEU A 54 -17.06 -5.93 -35.60
N SER A 55 -16.68 -4.89 -34.84
CA SER A 55 -15.34 -4.39 -35.01
C SER A 55 -14.18 -4.23 -34.07
N ASN A 56 -14.40 -3.79 -32.86
CA ASN A 56 -13.23 -3.50 -32.02
C ASN A 56 -13.38 -4.41 -30.87
N VAL A 57 -13.25 -5.67 -31.21
CA VAL A 57 -13.43 -6.70 -30.24
C VAL A 57 -12.28 -6.78 -29.28
N GLN A 58 -12.48 -6.04 -28.20
CA GLN A 58 -11.51 -5.90 -27.14
C GLN A 58 -11.91 -6.76 -25.97
N GLU A 59 -12.98 -7.50 -26.10
CA GLU A 59 -13.41 -8.17 -24.92
C GLU A 59 -14.39 -9.24 -25.21
N ASP A 60 -14.43 -10.18 -24.31
CA ASP A 60 -15.32 -11.26 -24.48
C ASP A 60 -16.68 -10.67 -24.40
N SER A 61 -17.39 -10.86 -25.49
CA SER A 61 -18.71 -10.36 -25.59
C SER A 61 -19.66 -11.40 -26.21
N GLN A 62 -20.94 -11.20 -25.98
CA GLN A 62 -21.90 -12.14 -26.54
C GLN A 62 -22.97 -11.38 -27.30
N PRO A 63 -22.72 -11.08 -28.58
CA PRO A 63 -23.66 -10.35 -29.45
C PRO A 63 -24.94 -11.14 -29.58
N MET A 64 -26.07 -10.47 -29.67
CA MET A 64 -27.35 -11.17 -29.76
C MET A 64 -28.30 -10.72 -30.84
N CYS A 65 -28.60 -11.64 -31.74
CA CYS A 65 -29.54 -11.42 -32.81
C CYS A 65 -30.91 -11.52 -32.19
N TYR A 66 -31.81 -10.66 -32.64
CA TYR A 66 -33.16 -10.67 -32.14
C TYR A 66 -34.05 -10.51 -33.35
N SER A 67 -35.06 -11.37 -33.42
CA SER A 67 -36.08 -11.32 -34.49
C SER A 67 -37.42 -11.22 -33.79
N ASN A 68 -38.09 -10.11 -34.04
CA ASN A 68 -39.35 -9.87 -33.42
C ASN A 68 -40.47 -10.42 -34.29
N CYS A 69 -41.02 -11.54 -33.86
CA CYS A 69 -42.18 -12.18 -34.52
C CYS A 69 -43.19 -12.00 -33.36
N PRO A 70 -44.10 -10.93 -33.50
CA PRO A 70 -45.22 -10.25 -32.77
C PRO A 70 -45.16 -10.06 -31.20
N ASP A 71 -46.11 -10.48 -30.38
CA ASP A 71 -45.83 -10.36 -28.93
C ASP A 71 -45.31 -11.56 -28.21
N GLY A 72 -44.07 -11.25 -27.88
CA GLY A 72 -43.12 -12.10 -27.25
C GLY A 72 -41.97 -11.64 -28.12
N GLN A 73 -41.28 -12.62 -28.69
CA GLN A 73 -40.12 -12.40 -29.54
C GLN A 73 -39.33 -13.73 -29.48
N SER A 74 -38.03 -13.65 -29.82
CA SER A 74 -37.02 -14.74 -29.79
C SER A 74 -35.64 -14.11 -30.14
N THR A 75 -34.55 -14.70 -29.64
CA THR A 75 -33.20 -14.19 -29.89
C THR A 75 -32.21 -15.33 -30.06
N ALA A 76 -30.92 -14.99 -30.14
CA ALA A 76 -29.85 -15.98 -30.31
C ALA A 76 -28.52 -15.29 -30.18
N LYS A 77 -27.76 -15.61 -29.14
CA LYS A 77 -26.44 -14.99 -28.88
C LYS A 77 -25.29 -15.73 -29.53
N THR A 78 -24.20 -15.01 -29.82
CA THR A 78 -23.01 -15.65 -30.38
C THR A 78 -21.93 -15.32 -29.37
N PHE A 79 -21.00 -16.25 -29.21
CA PHE A 79 -19.95 -16.10 -28.20
C PHE A 79 -18.64 -15.70 -28.76
N LEU A 80 -18.29 -14.45 -28.49
CA LEU A 80 -17.03 -13.94 -29.01
C LEU A 80 -16.03 -13.97 -27.92
N THR A 81 -15.02 -14.78 -28.15
CA THR A 81 -13.94 -14.92 -27.20
C THR A 81 -12.75 -14.18 -27.81
N VAL A 82 -12.28 -13.16 -27.10
CA VAL A 82 -11.14 -12.41 -27.58
C VAL A 82 -9.88 -12.97 -26.94
N TYR A 83 -8.88 -13.28 -27.74
CA TYR A 83 -7.61 -13.79 -27.20
C TYR A 83 -6.40 -12.87 -27.33
N TRP A 84 -5.52 -12.95 -26.33
CA TRP A 84 -4.25 -12.22 -26.26
C TRP A 84 -3.29 -12.64 -25.13
N THR A 85 -2.10 -12.95 -25.60
CA THR A 85 -0.99 -13.39 -24.82
C THR A 85 -0.56 -12.25 -23.84
N PRO A 86 -0.42 -12.55 -22.54
CA PRO A 86 -0.04 -11.58 -21.49
C PRO A 86 0.94 -10.45 -21.88
N GLU A 87 0.64 -9.24 -21.42
CA GLU A 87 1.47 -8.08 -21.73
C GLU A 87 2.88 -8.20 -21.12
N ARG A 88 2.97 -8.80 -19.93
CA ARG A 88 4.23 -9.00 -19.24
C ARG A 88 4.22 -10.20 -18.29
N VAL A 89 5.24 -11.05 -18.42
CA VAL A 89 5.37 -12.20 -17.51
C VAL A 89 6.81 -12.27 -16.88
N GLU A 90 6.91 -11.85 -15.62
CA GLU A 90 8.18 -11.84 -14.92
C GLU A 90 8.03 -12.12 -13.45
N LEU A 91 9.14 -12.59 -12.86
CA LEU A 91 9.20 -12.90 -11.44
C LEU A 91 9.55 -11.60 -10.74
N ALA A 92 9.05 -11.38 -9.54
CA ALA A 92 9.41 -10.15 -8.83
C ALA A 92 10.91 -10.13 -8.75
N PRO A 93 11.51 -8.94 -8.83
CA PRO A 93 12.99 -8.88 -8.75
C PRO A 93 13.51 -9.44 -7.41
N LEU A 94 14.66 -10.11 -7.46
CA LEU A 94 15.21 -10.73 -6.24
C LEU A 94 16.74 -10.79 -6.31
N PRO A 95 17.42 -10.68 -5.13
CA PRO A 95 18.88 -10.76 -5.25
C PRO A 95 19.32 -12.23 -5.50
N SER A 96 20.09 -12.40 -6.58
CA SER A 96 20.61 -13.70 -6.97
C SER A 96 21.26 -14.42 -5.80
N TRP A 97 22.00 -13.68 -5.00
CA TRP A 97 22.69 -14.27 -3.88
C TRP A 97 21.77 -14.54 -2.73
N GLN A 98 21.74 -15.79 -2.32
CA GLN A 98 20.90 -16.21 -1.24
C GLN A 98 21.60 -17.21 -0.35
N PRO A 99 21.36 -17.11 0.96
CA PRO A 99 21.90 -17.95 2.02
C PRO A 99 21.36 -19.36 1.92
N VAL A 100 22.28 -20.30 2.07
CA VAL A 100 21.91 -21.70 2.03
C VAL A 100 21.03 -21.90 3.26
N GLY A 101 19.84 -22.46 3.04
CA GLY A 101 19.00 -22.68 4.18
C GLY A 101 17.68 -21.97 4.24
N LYS A 102 17.59 -20.75 3.73
CA LYS A 102 16.30 -20.05 3.82
C LYS A 102 15.17 -20.66 2.95
N ASN A 103 13.92 -20.51 3.37
CA ASN A 103 12.85 -21.02 2.56
C ASN A 103 12.50 -19.86 1.62
N LEU A 104 13.41 -19.58 0.70
CA LEU A 104 13.23 -18.56 -0.30
C LEU A 104 11.84 -18.72 -0.94
N THR A 105 11.22 -17.61 -1.31
CA THR A 105 9.89 -17.68 -1.91
C THR A 105 9.82 -16.95 -3.25
N LEU A 106 9.62 -17.69 -4.33
CA LEU A 106 9.56 -17.12 -5.69
C LEU A 106 8.16 -16.67 -5.98
N ARG A 107 8.01 -15.60 -6.74
CA ARG A 107 6.70 -15.05 -7.06
C ARG A 107 6.61 -14.49 -8.51
N CYS A 108 5.82 -15.18 -9.31
CA CYS A 108 5.67 -14.77 -10.67
C CYS A 108 4.45 -13.90 -10.80
N GLN A 109 4.65 -12.74 -11.42
CA GLN A 109 3.61 -11.75 -11.68
C GLN A 109 3.33 -11.67 -13.15
N VAL A 110 2.05 -11.90 -13.47
CA VAL A 110 1.53 -11.90 -14.85
C VAL A 110 0.55 -10.77 -15.04
N GLU A 111 0.70 -10.01 -16.11
CA GLU A 111 -0.26 -8.96 -16.32
C GLU A 111 -0.95 -9.03 -17.66
N GLY A 112 -2.28 -9.08 -17.53
CA GLY A 112 -3.18 -9.11 -18.65
C GLY A 112 -3.06 -10.24 -19.64
N GLY A 113 -3.70 -11.36 -19.36
CA GLY A 113 -3.67 -12.42 -20.34
C GLY A 113 -5.13 -12.76 -20.56
N ALA A 114 -5.54 -13.24 -21.74
CA ALA A 114 -6.94 -13.63 -21.95
C ALA A 114 -7.08 -14.57 -23.10
N PRO A 115 -8.02 -15.53 -23.02
CA PRO A 115 -8.94 -15.81 -21.92
C PRO A 115 -8.24 -16.53 -20.80
N ARG A 116 -8.30 -15.91 -19.63
CA ARG A 116 -7.71 -16.42 -18.40
C ARG A 116 -8.08 -17.90 -18.12
N ALA A 117 -9.19 -18.37 -18.69
CA ALA A 117 -9.55 -19.74 -18.47
C ALA A 117 -8.53 -20.68 -19.12
N ASN A 118 -7.88 -20.29 -20.22
CA ASN A 118 -6.85 -21.13 -20.86
C ASN A 118 -5.42 -20.68 -20.53
N LEU A 119 -5.29 -19.76 -19.60
CA LEU A 119 -3.97 -19.29 -19.29
C LEU A 119 -3.45 -19.96 -18.06
N THR A 120 -2.33 -20.67 -18.21
CA THR A 120 -1.69 -21.36 -17.10
C THR A 120 -0.38 -20.66 -16.84
N VAL A 121 -0.03 -20.48 -15.57
CA VAL A 121 1.24 -19.84 -15.17
C VAL A 121 2.05 -20.94 -14.54
N VAL A 122 3.32 -21.05 -14.91
CA VAL A 122 4.17 -22.11 -14.37
C VAL A 122 5.61 -21.70 -13.96
N LEU A 123 5.90 -21.90 -12.68
CA LEU A 123 7.21 -21.59 -12.12
C LEU A 123 8.10 -22.81 -12.45
N LEU A 124 9.32 -22.56 -12.87
CA LEU A 124 10.21 -23.66 -13.25
C LEU A 124 11.57 -23.48 -12.66
N ARG A 125 12.40 -24.49 -12.87
CA ARG A 125 13.77 -24.51 -12.40
C ARG A 125 14.35 -25.08 -13.61
N GLY A 126 14.96 -24.22 -14.39
CA GLY A 126 15.51 -24.65 -15.64
C GLY A 126 14.25 -25.08 -16.36
N GLU A 127 14.31 -26.21 -17.03
CA GLU A 127 13.17 -26.65 -17.75
C GLU A 127 12.38 -27.68 -16.97
N LYS A 128 12.59 -27.66 -15.67
CA LYS A 128 11.91 -28.59 -14.79
C LYS A 128 10.83 -27.83 -14.05
N GLU A 129 9.57 -28.18 -14.26
CA GLU A 129 8.45 -27.47 -13.63
C GLU A 129 8.27 -27.62 -12.12
N LEU A 130 8.03 -26.50 -11.42
CA LEU A 130 7.86 -26.51 -9.97
C LEU A 130 6.42 -26.42 -9.54
N LYS A 131 5.77 -25.33 -9.89
CA LYS A 131 4.36 -25.10 -9.55
C LYS A 131 3.70 -24.84 -10.89
N ARG A 132 2.41 -25.14 -10.99
CA ARG A 132 1.74 -24.89 -12.26
C ARG A 132 0.26 -24.65 -12.08
N GLU A 133 -0.14 -23.38 -12.01
CA GLU A 133 -1.52 -22.99 -11.79
C GLU A 133 -2.13 -21.99 -12.77
N PRO A 134 -3.46 -21.90 -12.80
CA PRO A 134 -4.10 -20.97 -13.72
C PRO A 134 -3.89 -19.56 -13.30
N ALA A 135 -3.93 -18.66 -14.29
CA ALA A 135 -3.77 -17.22 -14.06
C ALA A 135 -5.07 -16.63 -13.53
N VAL A 136 -4.98 -16.02 -12.36
CA VAL A 136 -6.14 -15.38 -11.74
C VAL A 136 -5.77 -14.00 -11.15
N GLY A 137 -6.68 -13.03 -11.23
CA GLY A 137 -6.36 -11.72 -10.67
C GLY A 137 -5.49 -10.87 -11.56
N GLU A 138 -5.18 -9.66 -11.09
CA GLU A 138 -4.40 -8.72 -11.87
C GLU A 138 -3.60 -7.75 -11.04
N PRO A 139 -2.25 -7.84 -11.08
CA PRO A 139 -1.60 -8.84 -11.92
C PRO A 139 -1.81 -10.16 -11.21
N ALA A 140 -2.00 -11.19 -12.00
CA ALA A 140 -2.17 -12.52 -11.46
C ALA A 140 -0.78 -12.95 -10.95
N GLU A 141 -0.73 -13.63 -9.81
CA GLU A 141 0.55 -14.08 -9.27
C GLU A 141 0.50 -15.56 -8.95
N VAL A 142 1.69 -16.09 -8.66
CA VAL A 142 1.86 -17.49 -8.30
C VAL A 142 3.17 -17.60 -7.50
N THR A 143 3.10 -18.32 -6.41
CA THR A 143 4.23 -18.41 -5.53
C THR A 143 4.65 -19.81 -5.17
N THR A 144 5.91 -19.95 -4.85
CA THR A 144 6.41 -21.22 -4.41
C THR A 144 7.64 -20.86 -3.58
N THR A 145 7.99 -21.73 -2.65
CA THR A 145 9.16 -21.51 -1.80
C THR A 145 10.26 -22.54 -2.01
N VAL A 146 11.47 -22.07 -2.24
CA VAL A 146 12.58 -22.97 -2.39
C VAL A 146 13.45 -22.87 -1.14
N LEU A 147 13.71 -24.02 -0.54
CA LEU A 147 14.59 -24.09 0.59
C LEU A 147 15.92 -24.07 -0.14
N VAL A 148 16.64 -22.99 -0.01
CA VAL A 148 17.92 -22.86 -0.70
C VAL A 148 18.95 -23.91 -0.28
N ARG A 149 19.62 -24.51 -1.26
CA ARG A 149 20.63 -25.55 -1.01
C ARG A 149 21.97 -25.13 -1.60
N ARG A 150 23.07 -25.74 -1.14
CA ARG A 150 24.40 -25.36 -1.67
C ARG A 150 24.43 -25.77 -3.13
N ASP A 151 23.64 -26.80 -3.37
CA ASP A 151 23.52 -27.44 -4.64
C ASP A 151 22.89 -26.48 -5.66
N HIS A 152 21.98 -25.66 -5.17
CA HIS A 152 21.27 -24.66 -5.98
C HIS A 152 22.15 -23.59 -6.66
N HIS A 153 23.38 -23.38 -6.20
CA HIS A 153 24.22 -22.37 -6.83
C HIS A 153 24.31 -22.64 -8.31
N GLY A 154 23.99 -21.65 -9.13
CA GLY A 154 24.07 -21.84 -10.56
C GLY A 154 22.72 -22.18 -11.11
N ALA A 155 21.84 -22.65 -10.24
CA ALA A 155 20.45 -22.98 -10.61
C ALA A 155 19.76 -21.71 -11.03
N ASN A 156 18.98 -21.79 -12.09
CA ASN A 156 18.20 -20.60 -12.40
C ASN A 156 16.75 -20.87 -12.80
N PHE A 157 15.83 -20.18 -12.13
CA PHE A 157 14.42 -20.37 -12.30
C PHE A 157 13.78 -19.37 -13.21
N SER A 158 12.61 -19.70 -13.70
CA SER A 158 11.88 -18.77 -14.54
C SER A 158 10.36 -19.02 -14.38
N CYS A 159 9.58 -18.09 -14.94
CA CYS A 159 8.16 -18.21 -14.89
C CYS A 159 7.68 -18.24 -16.34
N ARG A 160 6.76 -19.13 -16.64
CA ARG A 160 6.27 -19.20 -18.00
C ARG A 160 4.79 -19.29 -17.99
N THR A 161 4.16 -18.69 -19.00
CA THR A 161 2.69 -18.74 -19.14
C THR A 161 2.36 -19.51 -20.43
N GLU A 162 1.24 -20.24 -20.35
CA GLU A 162 0.76 -21.06 -21.45
C GLU A 162 -0.67 -20.71 -21.78
N LEU A 163 -0.86 -20.13 -22.98
CA LEU A 163 -2.18 -19.74 -23.50
C LEU A 163 -2.58 -20.76 -24.55
N ASP A 164 -3.27 -21.80 -24.06
CA ASP A 164 -3.69 -22.90 -24.91
C ASP A 164 -4.97 -22.71 -25.68
N LEU A 165 -4.79 -22.30 -26.93
CA LEU A 165 -5.93 -22.11 -27.80
C LEU A 165 -5.98 -23.24 -28.84
N ARG A 166 -5.35 -24.35 -28.51
CA ARG A 166 -5.34 -25.47 -29.40
C ARG A 166 -6.73 -26.08 -29.52
N PRO A 167 -7.38 -26.37 -28.38
CA PRO A 167 -8.72 -26.96 -28.48
C PRO A 167 -9.72 -26.02 -29.16
N GLN A 168 -9.37 -24.75 -29.27
CA GLN A 168 -10.28 -23.83 -29.90
C GLN A 168 -9.87 -23.66 -31.34
N GLY A 169 -8.99 -24.52 -31.80
CA GLY A 169 -8.52 -24.43 -33.18
C GLY A 169 -7.23 -23.66 -33.40
N LEU A 170 -6.80 -22.87 -32.41
CA LEU A 170 -5.58 -22.08 -32.56
C LEU A 170 -4.31 -22.81 -32.14
N GLU A 171 -3.48 -22.14 -31.36
CA GLU A 171 -2.25 -22.73 -30.91
C GLU A 171 -2.15 -22.59 -29.40
N LEU A 172 -0.98 -22.98 -28.90
CA LEU A 172 -0.65 -22.85 -27.50
C LEU A 172 0.36 -21.69 -27.47
N PHE A 173 0.01 -20.56 -26.90
CA PHE A 173 0.94 -19.45 -26.92
C PHE A 173 1.70 -19.33 -25.61
N GLU A 174 3.02 -19.38 -25.66
CA GLU A 174 3.73 -19.27 -24.40
C GLU A 174 4.63 -18.07 -24.31
N ASN A 175 4.97 -17.70 -23.08
CA ASN A 175 5.81 -16.57 -22.80
C ASN A 175 6.66 -16.88 -21.62
N THR A 176 7.94 -16.63 -21.77
CA THR A 176 8.88 -16.92 -20.70
C THR A 176 9.53 -15.69 -20.09
N SER A 177 9.56 -15.59 -18.77
CA SER A 177 10.17 -14.42 -18.13
C SER A 177 11.69 -14.54 -18.22
N ALA A 178 12.39 -13.47 -17.85
CA ALA A 178 13.85 -13.49 -17.83
C ALA A 178 14.17 -14.47 -16.71
N PRO A 179 15.35 -15.13 -16.79
CA PRO A 179 15.73 -16.11 -15.76
C PRO A 179 16.36 -15.54 -14.46
N TYR A 180 15.84 -16.03 -13.34
CA TYR A 180 16.37 -15.68 -12.02
C TYR A 180 17.51 -16.68 -11.80
N GLN A 181 18.73 -16.18 -11.64
CA GLN A 181 19.89 -17.05 -11.44
C GLN A 181 20.28 -17.02 -9.96
N LEU A 182 20.19 -18.18 -9.33
CA LEU A 182 20.47 -18.26 -7.91
C LEU A 182 21.93 -18.50 -7.62
N GLN A 183 22.48 -17.72 -6.71
CA GLN A 183 23.85 -17.88 -6.30
C GLN A 183 23.77 -18.10 -4.80
N THR A 184 24.20 -19.26 -4.34
CA THR A 184 24.09 -19.55 -2.93
C THR A 184 25.42 -19.45 -2.21
N PHE A 185 25.35 -19.44 -0.87
CA PHE A 185 26.56 -19.36 -0.04
C PHE A 185 26.24 -19.86 1.38
N VAL A 186 27.21 -20.51 2.03
CA VAL A 186 27.04 -21.00 3.40
C VAL A 186 27.87 -20.06 4.30
N LEU A 187 27.52 -19.89 5.56
CA LEU A 187 28.20 -18.92 6.42
C LEU A 187 28.76 -19.46 7.75
N PRO A 188 29.98 -19.03 8.22
CA PRO A 188 31.15 -18.16 7.89
C PRO A 188 31.07 -17.39 6.59
N ALA A 189 31.27 -16.04 6.54
CA ALA A 189 31.12 -15.43 5.20
C ALA A 189 31.35 -14.09 4.47
N THR A 190 30.37 -14.01 3.56
CA THR A 190 30.20 -13.17 2.42
C THR A 190 31.51 -12.86 1.69
N GLN B 1 1.58 16.42 55.01
CA GLN B 1 2.77 16.12 55.79
C GLN B 1 3.77 15.29 54.98
N THR B 2 3.51 15.16 53.68
CA THR B 2 4.39 14.45 52.74
C THR B 2 4.62 15.43 51.63
N SER B 3 5.82 15.40 51.06
CA SER B 3 6.19 16.30 49.98
C SER B 3 7.13 15.58 49.02
N VAL B 4 7.02 15.91 47.73
CA VAL B 4 7.87 15.29 46.73
C VAL B 4 8.48 16.37 45.88
N SER B 5 9.79 16.33 45.72
CA SER B 5 10.48 17.30 44.89
C SER B 5 11.48 16.52 44.09
N PRO B 6 11.59 16.81 42.79
CA PRO B 6 10.85 17.83 42.03
C PRO B 6 9.35 17.60 42.04
N SER B 7 8.62 18.71 42.08
CA SER B 7 7.18 18.69 42.11
C SER B 7 6.58 18.16 40.79
N LYS B 8 7.28 18.44 39.69
CA LYS B 8 6.83 18.04 38.36
C LYS B 8 8.08 17.77 37.53
N VAL B 9 7.95 16.91 36.52
CA VAL B 9 9.08 16.55 35.66
C VAL B 9 8.68 16.26 34.23
N ILE B 10 9.60 16.58 33.33
CA ILE B 10 9.48 16.33 31.90
C ILE B 10 10.80 15.68 31.52
N LEU B 11 10.70 14.46 31.01
CA LEU B 11 11.89 13.72 30.64
C LEU B 11 11.76 12.95 29.34
N PRO B 12 12.91 12.57 28.75
CA PRO B 12 12.91 11.83 27.50
C PRO B 12 12.25 10.49 27.73
N ARG B 13 11.56 9.96 26.73
CA ARG B 13 10.93 8.66 26.84
C ARG B 13 12.05 7.63 27.10
N GLY B 14 12.05 7.05 28.31
CA GLY B 14 13.06 6.07 28.66
C GLY B 14 13.99 6.73 29.65
N GLY B 15 13.93 8.07 29.65
CA GLY B 15 14.73 8.87 30.54
C GLY B 15 14.42 8.49 31.97
N SER B 16 15.45 8.15 32.72
CA SER B 16 15.27 7.79 34.09
C SER B 16 15.23 9.08 34.91
N VAL B 17 14.17 9.22 35.70
CA VAL B 17 14.04 10.39 36.53
C VAL B 17 14.54 10.09 37.93
N LEU B 18 14.95 11.13 38.62
CA LEU B 18 15.47 10.99 39.95
C LEU B 18 14.60 11.88 40.82
N VAL B 19 13.98 11.31 41.85
CA VAL B 19 13.08 12.09 42.71
C VAL B 19 13.38 11.88 44.19
N THR B 20 12.96 12.84 45.01
CA THR B 20 13.15 12.78 46.46
C THR B 20 11.87 13.08 47.21
N CYS B 21 11.40 12.07 47.96
CA CYS B 21 10.21 12.16 48.79
C CYS B 21 10.67 12.61 50.18
N SER B 22 9.80 13.34 50.87
CA SER B 22 10.11 13.80 52.22
C SER B 22 8.82 13.90 53.04
N THR B 23 8.93 13.90 54.38
CA THR B 23 7.77 13.96 55.27
C THR B 23 8.04 14.72 56.56
N SER B 24 7.08 15.53 57.00
CA SER B 24 7.28 16.30 58.23
C SER B 24 6.41 15.94 59.43
N CYS B 25 6.40 14.66 59.81
CA CYS B 25 5.65 14.20 60.98
C CYS B 25 6.67 14.21 62.11
N ASP B 26 6.23 13.99 63.34
CA ASP B 26 7.16 13.96 64.47
C ASP B 26 8.03 12.69 64.29
N GLN B 27 7.39 11.52 64.20
CA GLN B 27 8.11 10.25 63.99
C GLN B 27 7.37 9.34 63.03
N PRO B 28 7.73 9.43 61.73
CA PRO B 28 7.17 8.65 60.64
C PRO B 28 7.71 7.23 60.51
N LYS B 29 6.97 6.27 61.05
CA LYS B 29 7.38 4.87 60.96
C LYS B 29 7.58 4.42 59.51
N LEU B 30 7.04 5.17 58.57
CA LEU B 30 7.17 4.78 57.18
C LEU B 30 7.31 5.93 56.22
N LEU B 31 8.06 5.66 55.17
CA LEU B 31 8.32 6.58 54.08
C LEU B 31 8.35 5.72 52.81
N GLY B 32 7.89 6.25 51.70
CA GLY B 32 7.90 5.46 50.48
C GLY B 32 7.26 6.12 49.28
N ILE B 33 7.18 5.37 48.20
CA ILE B 33 6.63 5.88 46.96
C ILE B 33 5.79 4.80 46.25
N GLU B 34 4.56 5.17 45.91
CA GLU B 34 3.61 4.25 45.33
C GLU B 34 3.57 4.28 43.83
N THR B 35 4.66 3.85 43.22
CA THR B 35 4.74 3.78 41.78
C THR B 35 4.91 2.33 41.33
N PRO B 36 4.66 2.06 40.02
CA PRO B 36 4.81 0.72 39.43
C PRO B 36 6.21 0.60 38.81
N LEU B 37 6.81 1.73 38.44
CA LEU B 37 8.12 1.81 37.78
C LEU B 37 9.30 1.15 38.50
N PRO B 38 10.41 0.93 37.76
CA PRO B 38 11.64 0.33 38.27
C PRO B 38 12.36 1.38 39.11
N LYS B 39 12.33 1.21 40.42
CA LYS B 39 12.93 2.17 41.34
C LYS B 39 14.13 1.74 42.18
N LYS B 40 15.15 2.59 42.19
CA LYS B 40 16.32 2.32 42.99
C LYS B 40 16.27 3.33 44.12
N GLU B 41 16.15 2.83 45.33
CA GLU B 41 16.14 3.69 46.50
C GLU B 41 17.63 3.91 46.67
N LEU B 42 18.08 5.07 47.13
CA LEU B 42 19.52 5.21 47.26
C LEU B 42 20.02 5.91 48.48
N LEU B 43 21.33 5.85 48.70
CA LEU B 43 21.82 6.42 49.93
C LEU B 43 22.05 7.83 50.27
N LEU B 44 21.03 8.23 51.02
CA LEU B 44 20.89 9.55 51.54
C LEU B 44 20.66 9.59 53.05
N PRO B 45 21.47 10.42 53.72
CA PRO B 45 21.52 10.73 55.15
C PRO B 45 20.20 11.26 55.72
N GLY B 46 19.61 12.28 55.08
CA GLY B 46 18.36 12.90 55.51
C GLY B 46 17.59 12.38 56.71
N ASN B 47 17.16 11.12 56.64
CA ASN B 47 16.39 10.45 57.72
C ASN B 47 15.04 11.12 57.90
N ASN B 48 14.63 11.76 56.82
CA ASN B 48 13.37 12.47 56.70
C ASN B 48 13.02 12.33 55.23
N ARG B 49 14.05 12.19 54.39
CA ARG B 49 13.90 12.06 52.96
C ARG B 49 14.37 10.72 52.43
N LYS B 50 14.00 10.45 51.19
CA LYS B 50 14.34 9.21 50.49
C LYS B 50 14.48 9.59 49.03
N VAL B 51 15.50 9.07 48.37
CA VAL B 51 15.69 9.40 46.97
C VAL B 51 15.57 8.17 46.10
N TYR B 52 14.71 8.29 45.10
CA TYR B 52 14.45 7.20 44.18
C TYR B 52 14.84 7.47 42.75
N GLU B 53 15.26 6.39 42.10
CA GLU B 53 15.67 6.41 40.70
C GLU B 53 14.63 5.61 39.92
N LEU B 54 13.72 6.32 39.29
CA LEU B 54 12.71 5.65 38.52
C LEU B 54 13.31 5.59 37.14
N SER B 55 13.36 4.39 36.56
CA SER B 55 13.94 4.22 35.25
C SER B 55 12.92 3.82 34.21
N ASN B 56 13.30 3.98 32.95
CA ASN B 56 12.46 3.60 31.81
C ASN B 56 11.06 4.17 31.84
N VAL B 57 10.94 5.50 31.84
CA VAL B 57 9.65 6.15 31.85
C VAL B 57 9.01 5.99 30.47
N GLN B 58 7.69 6.01 30.38
CA GLN B 58 7.02 5.76 29.11
C GLN B 58 5.65 6.43 28.91
N GLU B 59 4.80 6.37 29.94
CA GLU B 59 3.47 6.95 29.88
C GLU B 59 3.54 8.04 30.90
N ASP B 60 2.80 9.10 30.68
CA ASP B 60 2.79 10.16 31.67
C ASP B 60 2.28 9.47 32.92
N SER B 61 3.08 9.50 33.97
CA SER B 61 2.66 8.87 35.19
C SER B 61 2.70 9.87 36.31
N GLN B 62 2.03 9.51 37.39
CA GLN B 62 1.91 10.35 38.57
C GLN B 62 2.22 9.56 39.85
N PRO B 63 3.53 9.30 40.09
CA PRO B 63 4.07 8.58 41.25
C PRO B 63 3.64 9.25 42.53
N MET B 64 3.43 8.48 43.58
CA MET B 64 3.00 9.04 44.82
C MET B 64 3.87 8.75 46.02
N CYS B 65 4.55 9.76 46.51
CA CYS B 65 5.36 9.61 47.69
C CYS B 65 4.34 9.51 48.77
N TYR B 66 4.68 8.83 49.85
CA TYR B 66 3.74 8.70 50.94
C TYR B 66 4.43 8.49 52.28
N SER B 67 3.90 9.10 53.31
CA SER B 67 4.48 8.91 54.62
C SER B 67 3.40 8.55 55.62
N ASN B 68 3.62 7.42 56.26
CA ASN B 68 2.73 6.91 57.26
C ASN B 68 3.26 7.40 58.58
N CYS B 69 2.36 8.02 59.35
CA CYS B 69 2.69 8.63 60.64
C CYS B 69 1.64 8.29 61.70
N PRO B 70 2.01 8.44 63.00
CA PRO B 70 1.15 8.17 64.18
C PRO B 70 -0.10 9.07 64.38
N ASP B 71 -0.80 9.44 63.31
CA ASP B 71 -1.98 10.30 63.40
C ASP B 71 -2.79 10.22 62.10
N GLY B 72 -2.11 9.87 61.02
CA GLY B 72 -2.73 9.75 59.72
C GLY B 72 -1.62 9.56 58.72
N GLN B 73 -1.95 9.60 57.45
CA GLN B 73 -0.94 9.47 56.42
C GLN B 73 -1.00 10.69 55.52
N SER B 74 0.08 10.89 54.79
CA SER B 74 0.12 11.97 53.86
C SER B 74 0.72 11.39 52.62
N THR B 75 0.44 12.03 51.50
CA THR B 75 0.98 11.61 50.23
C THR B 75 1.28 12.84 49.39
N ALA B 76 2.04 12.62 48.32
CA ALA B 76 2.41 13.68 47.41
C ALA B 76 2.73 13.00 46.12
N LYS B 77 2.17 13.51 45.03
CA LYS B 77 2.45 12.96 43.72
C LYS B 77 3.30 13.95 42.92
N THR B 78 4.21 13.45 42.10
CA THR B 78 5.01 14.32 41.26
C THR B 78 4.53 13.93 39.87
N PHE B 79 4.35 14.91 39.00
CA PHE B 79 3.86 14.62 37.67
C PHE B 79 4.97 14.44 36.67
N LEU B 80 5.03 13.26 36.07
CA LEU B 80 6.06 12.98 35.10
C LEU B 80 5.47 13.03 33.72
N THR B 81 6.10 13.84 32.89
CA THR B 81 5.64 14.00 31.53
C THR B 81 6.76 13.54 30.62
N VAL B 82 6.47 12.46 29.88
CA VAL B 82 7.42 11.84 28.94
C VAL B 82 7.35 12.49 27.57
N TYR B 83 8.50 12.94 27.07
CA TYR B 83 8.52 13.56 25.75
C TYR B 83 9.38 12.69 24.84
N TRP B 84 9.05 12.73 23.55
CA TRP B 84 9.79 11.98 22.55
C TRP B 84 9.36 12.50 21.18
N THR B 85 10.32 12.71 20.30
CA THR B 85 10.06 13.20 18.97
C THR B 85 9.45 12.09 18.10
N PRO B 86 8.66 12.48 17.09
CA PRO B 86 7.99 11.55 16.18
C PRO B 86 8.90 10.48 15.58
N GLU B 87 8.29 9.51 14.90
CA GLU B 87 9.02 8.42 14.26
C GLU B 87 9.00 8.47 12.72
N ARG B 88 8.03 9.18 12.17
CA ARG B 88 7.94 9.33 10.73
C ARG B 88 7.21 10.62 10.42
N VAL B 89 7.98 11.58 9.95
CA VAL B 89 7.48 12.87 9.57
C VAL B 89 7.88 12.99 8.10
N GLU B 90 6.95 12.66 7.20
CA GLU B 90 7.27 12.76 5.79
C GLU B 90 6.08 12.89 4.87
N LEU B 91 6.34 13.41 3.68
CA LEU B 91 5.30 13.61 2.69
C LEU B 91 4.89 12.41 1.86
N ALA B 92 3.58 12.36 1.62
CA ALA B 92 2.97 11.32 0.81
C ALA B 92 3.75 11.27 -0.48
N PRO B 93 4.08 10.06 -0.93
CA PRO B 93 4.83 9.87 -2.16
C PRO B 93 4.21 10.72 -3.29
N LEU B 94 5.07 11.26 -4.15
CA LEU B 94 4.58 12.11 -5.22
C LEU B 94 5.59 12.23 -6.36
N PRO B 95 5.10 12.15 -7.61
CA PRO B 95 5.95 12.23 -8.80
C PRO B 95 6.57 13.63 -8.89
N SER B 96 7.88 13.67 -8.96
CA SER B 96 8.58 14.94 -9.04
C SER B 96 8.14 15.73 -10.24
N TRP B 97 8.02 15.08 -11.39
CA TRP B 97 7.65 15.81 -12.59
C TRP B 97 6.20 16.06 -12.73
N GLN B 98 5.80 17.32 -12.65
CA GLN B 98 4.41 17.64 -12.73
C GLN B 98 4.14 18.58 -13.87
N PRO B 99 2.91 18.53 -14.40
CA PRO B 99 2.37 19.33 -15.51
C PRO B 99 2.13 20.76 -15.03
N VAL B 100 2.71 21.71 -15.75
CA VAL B 100 2.53 23.11 -15.40
C VAL B 100 1.05 23.51 -15.48
N GLY B 101 0.36 23.44 -14.35
CA GLY B 101 -1.04 23.83 -14.35
C GLY B 101 -2.02 22.86 -13.72
N LYS B 102 -1.73 22.35 -12.54
CA LYS B 102 -2.66 21.43 -11.94
C LYS B 102 -2.80 21.68 -10.44
N ASN B 103 -4.01 21.41 -9.92
CA ASN B 103 -4.31 21.51 -8.47
C ASN B 103 -3.55 20.35 -7.91
N LEU B 104 -2.27 20.54 -7.66
CA LEU B 104 -1.47 19.48 -7.07
C LEU B 104 -1.75 19.46 -5.58
N THR B 105 -1.95 18.27 -5.02
CA THR B 105 -2.23 18.21 -3.61
C THR B 105 -1.13 17.55 -2.76
N LEU B 106 -0.48 18.40 -1.96
CA LEU B 106 0.62 18.00 -1.06
C LEU B 106 0.01 17.36 0.14
N ARG B 107 0.79 16.57 0.89
CA ARG B 107 0.24 15.86 2.03
C ARG B 107 1.27 15.30 2.99
N CYS B 108 1.37 15.89 4.17
CA CYS B 108 2.31 15.43 5.15
C CYS B 108 1.69 14.39 6.08
N GLN B 109 2.44 13.33 6.33
CA GLN B 109 1.99 12.25 7.21
C GLN B 109 2.99 12.16 8.34
N VAL B 110 2.48 12.19 9.56
CA VAL B 110 3.32 12.16 10.76
C VAL B 110 2.85 11.10 11.75
N GLU B 111 3.77 10.24 12.18
CA GLU B 111 3.41 9.25 13.17
C GLU B 111 4.38 9.33 14.34
N GLY B 112 3.88 8.97 15.52
CA GLY B 112 4.68 9.06 16.72
C GLY B 112 4.43 10.47 17.21
N GLY B 113 5.40 11.02 17.93
CA GLY B 113 5.25 12.36 18.43
C GLY B 113 4.31 12.59 19.61
N ALA B 114 4.91 12.98 20.73
CA ALA B 114 4.20 13.32 21.95
C ALA B 114 5.13 14.16 22.83
N PRO B 115 4.56 15.16 23.53
CA PRO B 115 3.15 15.57 23.65
C PRO B 115 2.56 16.32 22.46
N ARG B 116 1.56 15.71 21.83
CA ARG B 116 0.90 16.28 20.65
C ARG B 116 0.28 17.65 20.78
N ALA B 117 -0.07 18.06 21.99
CA ALA B 117 -0.67 19.36 22.18
C ALA B 117 0.41 20.41 22.33
N ASN B 118 1.65 20.00 22.04
CA ASN B 118 2.82 20.85 22.14
C ASN B 118 3.56 20.59 20.80
N LEU B 119 2.85 19.95 19.87
CA LEU B 119 3.33 19.54 18.55
C LEU B 119 2.48 20.11 17.40
N THR B 120 3.09 20.99 16.62
CA THR B 120 2.41 21.56 15.47
C THR B 120 3.21 21.14 14.23
N VAL B 121 2.51 20.66 13.21
CA VAL B 121 3.15 20.24 11.97
C VAL B 121 3.16 21.42 10.98
N VAL B 122 4.21 21.55 10.19
CA VAL B 122 4.30 22.63 9.22
C VAL B 122 4.72 22.25 7.79
N LEU B 123 3.85 22.54 6.83
CA LEU B 123 4.16 22.24 5.44
C LEU B 123 5.02 23.40 5.02
N LEU B 124 6.01 23.12 4.19
CA LEU B 124 6.93 24.15 3.77
C LEU B 124 7.25 24.16 2.30
N ARG B 125 7.14 25.34 1.70
CA ARG B 125 7.47 25.54 0.30
C ARG B 125 8.86 26.13 0.34
N GLY B 126 9.85 25.28 0.19
CA GLY B 126 11.23 25.73 0.16
C GLY B 126 11.75 26.65 1.25
N GLU B 127 11.36 26.40 2.51
CA GLU B 127 11.80 27.15 3.71
C GLU B 127 10.93 28.31 4.20
N LYS B 128 9.81 28.54 3.51
CA LYS B 128 8.88 29.61 3.87
C LYS B 128 7.57 28.91 4.14
N GLU B 129 6.99 29.14 5.31
CA GLU B 129 5.75 28.48 5.70
C GLU B 129 4.63 28.49 4.71
N LEU B 130 4.04 27.32 4.52
CA LEU B 130 2.96 27.11 3.57
C LEU B 130 1.68 26.77 4.34
N LYS B 131 1.78 25.86 5.30
CA LYS B 131 0.63 25.48 6.09
C LYS B 131 1.14 25.41 7.54
N ARG B 132 0.29 24.97 8.47
CA ARG B 132 0.65 24.87 9.88
C ARG B 132 -0.63 24.75 10.74
N GLU B 133 -0.87 23.54 11.27
CA GLU B 133 -2.01 23.19 12.12
C GLU B 133 -1.51 22.21 13.20
N PRO B 134 -2.35 21.92 14.23
CA PRO B 134 -1.89 21.00 15.28
C PRO B 134 -1.82 19.56 14.82
N ALA B 135 -0.97 18.78 15.47
CA ALA B 135 -0.81 17.38 15.13
C ALA B 135 -1.90 16.49 15.77
N VAL B 136 -3.07 16.48 15.13
CA VAL B 136 -4.21 15.67 15.59
C VAL B 136 -4.26 14.25 14.93
N GLY B 137 -4.48 13.23 15.75
CA GLY B 137 -4.56 11.87 15.22
C GLY B 137 -3.33 11.01 15.42
N GLU B 138 -3.13 10.09 14.49
CA GLU B 138 -1.98 9.18 14.45
C GLU B 138 -2.30 8.18 13.35
N PRO B 139 -1.71 8.36 12.15
CA PRO B 139 -0.77 9.43 11.80
C PRO B 139 -1.46 10.79 11.64
N ALA B 140 -0.79 11.85 12.09
CA ALA B 140 -1.36 13.17 11.95
C ALA B 140 -1.23 13.53 10.48
N GLU B 141 -2.33 13.93 9.86
CA GLU B 141 -2.29 14.31 8.47
C GLU B 141 -2.55 15.80 8.30
N VAL B 142 -1.91 16.41 7.32
CA VAL B 142 -2.11 17.82 7.04
C VAL B 142 -2.01 17.96 5.54
N THR B 143 -2.86 18.79 4.95
CA THR B 143 -2.91 18.96 3.49
C THR B 143 -3.03 20.41 3.03
N THR B 144 -2.68 20.61 1.75
CA THR B 144 -2.75 21.90 1.07
C THR B 144 -2.60 21.65 -0.44
N THR B 145 -3.00 22.65 -1.22
CA THR B 145 -2.90 22.51 -2.65
C THR B 145 -2.10 23.52 -3.36
N VAL B 146 -1.09 23.02 -4.03
CA VAL B 146 -0.25 23.87 -4.80
C VAL B 146 -0.74 23.82 -6.22
N LEU B 147 -1.17 24.98 -6.73
CA LEU B 147 -1.62 25.05 -8.11
C LEU B 147 -0.28 25.26 -8.85
N VAL B 148 0.14 24.25 -9.61
CA VAL B 148 1.43 24.27 -10.31
C VAL B 148 1.71 25.31 -11.41
N ARG B 149 2.64 26.22 -11.12
CA ARG B 149 3.05 27.24 -12.08
C ARG B 149 4.26 26.75 -12.88
N ARG B 150 4.89 27.63 -13.67
CA ARG B 150 6.07 27.25 -14.42
C ARG B 150 7.28 27.54 -13.53
N ASP B 151 7.14 28.59 -12.73
CA ASP B 151 8.18 29.03 -11.80
C ASP B 151 8.33 28.08 -10.61
N HIS B 152 7.60 26.97 -10.65
CA HIS B 152 7.66 25.95 -9.58
C HIS B 152 8.75 24.89 -9.84
N HIS B 153 9.36 24.92 -11.03
CA HIS B 153 10.41 23.97 -11.30
C HIS B 153 11.56 24.15 -10.32
N GLY B 154 12.17 23.05 -9.92
CA GLY B 154 13.29 23.13 -9.02
C GLY B 154 12.94 23.55 -7.60
N ALA B 155 11.68 23.86 -7.35
CA ALA B 155 11.26 24.24 -6.01
C ALA B 155 11.15 23.01 -5.14
N ASN B 156 11.31 23.19 -3.84
CA ASN B 156 11.20 22.05 -2.93
C ASN B 156 10.18 22.33 -1.89
N PHE B 157 9.70 21.26 -1.26
CA PHE B 157 8.72 21.34 -0.19
C PHE B 157 9.07 20.31 0.85
N SER B 158 8.81 20.64 2.10
CA SER B 158 9.08 19.73 3.21
C SER B 158 8.09 19.99 4.30
N CYS B 159 7.91 18.98 5.13
CA CYS B 159 7.00 19.06 6.24
C CYS B 159 7.88 19.03 7.45
N ARG B 160 7.89 20.11 8.20
CA ARG B 160 8.70 20.13 9.39
C ARG B 160 7.76 20.09 10.55
N THR B 161 8.19 19.41 11.61
CA THR B 161 7.38 19.31 12.81
C THR B 161 8.01 20.14 13.93
N GLU B 162 7.19 20.58 14.88
CA GLU B 162 7.68 21.41 15.94
C GLU B 162 7.18 21.08 17.32
N LEU B 163 8.06 20.49 18.11
CA LEU B 163 7.78 20.12 19.48
C LEU B 163 8.39 21.28 20.22
N ASP B 164 7.55 22.22 20.66
CA ASP B 164 8.06 23.41 21.34
C ASP B 164 8.06 23.30 22.84
N LEU B 165 9.25 23.13 23.40
CA LEU B 165 9.33 23.05 24.84
C LEU B 165 9.75 24.40 25.35
N ARG B 166 8.90 25.38 25.05
CA ARG B 166 9.15 26.72 25.51
C ARG B 166 8.91 26.69 27.00
N PRO B 167 9.98 27.03 27.74
CA PRO B 167 10.34 27.14 29.14
C PRO B 167 9.86 26.22 30.20
N GLN B 168 8.73 25.54 29.99
CA GLN B 168 8.46 24.39 30.88
C GLN B 168 9.78 23.62 30.53
N GLY B 169 10.16 23.93 29.31
CA GLY B 169 11.34 23.58 28.57
C GLY B 169 12.58 22.80 28.80
N LEU B 170 13.00 22.42 27.60
CA LEU B 170 14.16 21.62 27.32
C LEU B 170 14.65 22.35 26.08
N GLU B 171 13.91 22.17 24.99
CA GLU B 171 14.25 22.81 23.73
C GLU B 171 13.07 22.75 22.76
N LEU B 172 13.25 23.41 21.61
CA LEU B 172 12.26 23.37 20.54
C LEU B 172 12.82 22.29 19.64
N PHE B 173 12.24 21.11 19.71
CA PHE B 173 12.71 19.99 18.90
C PHE B 173 11.94 19.94 17.57
N GLU B 174 12.65 20.17 16.46
CA GLU B 174 12.05 20.17 15.13
C GLU B 174 12.60 19.02 14.34
N ASN B 175 11.82 18.58 13.34
CA ASN B 175 12.21 17.47 12.46
C ASN B 175 11.80 17.85 11.08
N THR B 176 12.72 17.74 10.13
CA THR B 176 12.36 18.05 8.75
C THR B 176 12.33 16.80 7.84
N SER B 177 11.21 16.61 7.16
CA SER B 177 11.00 15.48 6.29
C SER B 177 11.93 15.52 5.11
N ALA B 178 11.98 14.42 4.37
CA ALA B 178 12.82 14.37 3.18
C ALA B 178 12.11 15.31 2.22
N PRO B 179 12.88 16.19 1.55
CA PRO B 179 12.35 17.15 0.59
C PRO B 179 11.72 16.58 -0.66
N TYR B 180 10.75 17.28 -1.20
CA TYR B 180 10.10 16.85 -2.43
C TYR B 180 10.55 17.91 -3.41
N GLN B 181 10.97 17.49 -4.59
CA GLN B 181 11.45 18.40 -5.61
C GLN B 181 10.42 18.54 -6.72
N LEU B 182 9.89 19.74 -6.90
CA LEU B 182 8.91 19.94 -7.92
C LEU B 182 9.53 20.31 -9.29
N GLN B 183 9.40 19.39 -10.25
CA GLN B 183 9.92 19.62 -11.58
C GLN B 183 8.71 19.80 -12.50
N THR B 184 8.60 20.99 -13.05
CA THR B 184 7.49 21.34 -13.92
C THR B 184 7.88 21.23 -15.40
N PHE B 185 6.88 21.07 -16.26
CA PHE B 185 7.05 20.96 -17.71
C PHE B 185 5.74 21.40 -18.38
N VAL B 186 5.80 21.84 -19.64
CA VAL B 186 4.61 22.29 -20.38
C VAL B 186 4.12 21.32 -21.50
N LEU B 187 4.54 21.47 -22.78
CA LEU B 187 4.17 20.54 -23.92
C LEU B 187 3.61 20.88 -25.39
N PRO B 188 2.29 21.21 -25.55
CA PRO B 188 1.26 21.57 -26.54
C PRO B 188 1.00 21.64 -28.07
N ALA B 189 -0.26 22.05 -28.32
CA ALA B 189 -1.03 21.92 -29.73
C ALA B 189 -2.72 21.80 -29.73
N THR B 190 -3.42 22.45 -28.74
CA THR B 190 -4.77 21.97 -28.26
C THR B 190 -5.76 23.16 -28.48
C1 NAG C . 4.13 -13.94 -25.81
C2 NAG C . 4.77 -12.64 -26.22
C3 NAG C . 4.20 -12.09 -27.51
C4 NAG C . 4.04 -13.16 -28.60
C5 NAG C . 3.43 -14.44 -28.00
C6 NAG C . 3.35 -15.62 -28.94
C7 NAG C . 5.43 -10.74 -24.90
C8 NAG C . 5.10 -9.73 -23.80
N2 NAG C . 4.52 -11.65 -25.19
O3 NAG C . 5.03 -11.07 -27.99
O4 NAG C . 3.15 -12.62 -29.58
O5 NAG C . 4.19 -14.87 -26.87
O6 NAG C . 4.58 -16.32 -28.99
O7 NAG C . 6.49 -10.67 -25.47
C1 NAG C . 3.51 -12.68 -30.92
C2 NAG C . 2.34 -12.26 -31.80
C3 NAG C . 2.77 -12.31 -33.29
C4 NAG C . 4.01 -11.48 -33.51
C5 NAG C . 5.11 -11.87 -32.50
C6 NAG C . 6.23 -10.90 -32.55
C7 NAG C . 0.36 -12.76 -30.57
C8 NAG C . -0.81 -13.71 -30.32
N2 NAG C . 1.22 -13.12 -31.53
O3 NAG C . 1.74 -11.80 -34.14
O4 NAG C . 4.45 -11.66 -34.85
O5 NAG C . 4.61 -11.81 -31.13
O6 NAG C . 5.76 -9.62 -32.10
O7 NAG C . 0.49 -11.72 -29.90
C1 NAG D . 15.88 20.65 -2.65
C2 NAG D . 17.03 21.52 -3.11
C3 NAG D . 18.00 20.62 -3.84
C4 NAG D . 17.74 19.15 -3.35
C5 NAG D . 16.36 18.71 -3.89
C6 NAG D . 15.77 17.42 -3.32
C7 NAG D . 16.52 23.88 -3.33
C8 NAG D . 16.24 25.11 -4.19
N2 NAG D . 16.69 22.69 -3.92
O3 NAG D . 19.30 21.09 -3.57
O4 NAG D . 18.74 18.23 -3.82
O5 NAG D . 15.40 19.76 -3.65
O6 NAG D . 16.39 16.27 -3.88
O7 NAG D . 16.48 23.99 -2.11
C1 NAG D . 19.87 18.05 -3.05
C2 NAG D . 20.94 17.43 -3.93
C3 NAG D . 22.19 17.26 -3.09
C4 NAG D . 22.66 18.66 -2.65
C5 NAG D . 21.54 19.43 -1.94
C6 NAG D . 21.87 20.92 -1.89
C7 NAG D . 20.20 15.13 -3.76
C8 NAG D . 19.78 13.86 -4.49
N2 NAG D . 20.51 16.17 -4.52
O3 NAG D . 23.21 16.61 -3.85
O4 NAG D . 23.75 18.54 -1.75
O5 NAG D . 20.29 19.35 -2.64
O6 NAG D . 20.82 21.67 -1.30
O7 NAG D . 20.30 15.16 -2.52
C1 NAG E . 13.71 15.05 15.54
C2 NAG E . 14.37 13.69 15.28
C3 NAG E . 15.01 13.17 16.60
C4 NAG E . 15.91 14.28 17.22
C5 NAG E . 15.09 15.56 17.39
C6 NAG E . 15.79 16.75 17.94
C7 NAG E . 13.71 11.85 13.86
C8 NAG E . 12.60 10.96 13.30
N2 NAG E . 13.37 12.77 14.76
O3 NAG E . 15.75 11.96 16.36
O4 NAG E . 16.79 13.89 18.37
O5 NAG E . 14.62 15.97 16.13
O6 NAG E . 16.82 17.18 17.08
O7 NAG E . 14.86 11.69 13.49
C1 NAG E . 16.63 13.50 19.75
C2 NAG E . 17.27 14.49 20.76
C3 NAG E . 17.20 13.94 22.21
C4 NAG E . 15.81 13.39 22.57
C5 NAG E . 15.25 12.49 21.42
C6 NAG E . 13.79 12.05 21.67
C7 NAG E . 19.14 16.01 20.49
C8 NAG E . 20.59 16.18 20.16
N2 NAG E . 18.66 14.77 20.45
O3 NAG E . 17.58 14.94 23.16
O4 NAG E . 15.87 12.64 23.78
O5 NAG E . 15.29 13.17 20.11
O6 NAG E . 12.93 13.16 21.94
O7 NAG E . 18.45 17.00 20.78
C1 NAG F . 10.54 -24.78 1.17
C2 NAG F . 11.18 -26.22 0.57
C3 NAG F . 10.00 -27.28 0.21
C4 NAG F . 8.96 -27.42 1.31
C5 NAG F . 8.38 -26.04 1.62
C6 NAG F . 7.51 -26.15 2.87
C7 NAG F . 13.01 -26.87 -1.01
C8 NAG F . 13.69 -26.66 -2.37
N2 NAG F . 11.92 -26.11 -0.72
O3 NAG F . 10.53 -28.58 -0.08
O4 NAG F . 7.92 -28.31 0.96
O5 NAG F . 9.42 -25.10 2.05
O6 NAG F . 8.30 -26.69 3.94
O7 NAG F . 13.53 -27.64 -0.22
C1 NAG G . -9.77 -23.21 -22.89
C2 NAG G . -9.97 -24.31 -21.83
C3 NAG G . -11.46 -24.53 -21.55
C4 NAG G . -12.10 -23.19 -21.19
C5 NAG G . -11.95 -22.31 -22.44
C6 NAG G . -12.69 -20.97 -22.52
C7 NAG G . -8.08 -25.79 -22.18
C8 NAG G . -7.55 -27.11 -22.71
N2 NAG G . -9.39 -25.56 -22.31
O3 NAG G . -11.64 -25.45 -20.51
O4 NAG G . -13.46 -23.38 -20.84
O5 NAG G . -10.56 -22.05 -22.62
O6 NAG G . -12.12 -19.98 -21.68
O7 NAG G . -7.32 -25.00 -21.63
C1 NAG H . 18.49 -21.57 -15.82
C2 NAG H . 19.73 -21.56 -16.74
C3 NAG H . 19.91 -22.97 -17.32
C4 NAG H . 20.10 -23.95 -16.15
C5 NAG H . 18.81 -23.90 -15.29
C6 NAG H . 18.76 -24.89 -14.11
C7 NAG H . 20.45 -19.53 -17.90
C8 NAG H . 20.19 -18.55 -19.01
N2 NAG H . 19.59 -20.54 -17.79
O3 NAG H . 21.03 -23.00 -18.19
O4 NAG H . 20.32 -25.27 -16.64
O5 NAG H . 18.62 -22.56 -14.78
O6 NAG H . 19.82 -24.67 -13.19
O7 NAG H . 21.44 -19.39 -17.20
C1 NAG I . -6.58 19.33 -5.19
C2 NAG I . -7.26 19.11 -3.69
C3 NAG I . -8.02 17.74 -3.42
C4 NAG I . -8.84 17.34 -4.63
C5 NAG I . -7.98 17.37 -5.91
C6 NAG I . -8.87 17.08 -7.17
C7 NAG I . -6.63 19.98 -1.50
C8 NAG I . -5.59 20.08 -0.40
N2 NAG I . -6.33 19.20 -2.55
O3 NAG I . -8.91 17.90 -2.28
O4 NAG I . -9.36 16.02 -4.45
O5 NAG I . -7.43 18.72 -6.20
O6 NAG I . -10.03 17.94 -7.22
O7 NAG I . -7.63 20.67 -1.42
C1 NAG J . 1.56 22.52 25.00
C2 NAG J . 1.25 23.14 26.40
C3 NAG J . 1.34 24.66 26.20
C4 NAG J . 2.61 25.14 25.43
C5 NAG J . 2.90 24.27 24.22
C6 NAG J . 4.31 24.38 23.63
C7 NAG J . -0.24 23.09 28.26
C8 NAG J . -1.60 22.93 28.95
N2 NAG J . -0.07 22.86 26.95
O3 NAG J . 1.28 25.32 27.45
O4 NAG J . 2.41 26.47 24.96
O5 NAG J . 2.85 22.97 24.61
O6 NAG J . 4.39 25.51 22.79
O7 NAG J . 0.72 23.32 28.98
#